data_9OOZ
#
_entry.id   9OOZ
#
_cell.length_a   53.518
_cell.length_b   118.695
_cell.length_c   40.343
_cell.angle_alpha   90.000
_cell.angle_beta   90.000
_cell.angle_gamma   90.000
#
_symmetry.space_group_name_H-M   'P 21 21 2'
#
loop_
_entity.id
_entity.type
_entity.pdbx_description
1 polymer 'ABC transporter substrate binding protein (Subunit A)'
2 non-polymer 'PYRROLOQUINOLINE QUINONE'
3 non-polymer 'CHLORIDE ION'
4 water water
#
_entity_poly.entity_id   1
_entity_poly.type   'polypeptide(L)'
_entity_poly.pdbx_seq_one_letter_code
;AGETFRLGVLPFGTASWEAAVIKARGFDTANGFTLDIVKLAGNDAARIAFLGGQVDAIVGDLIFAARLGNEGRGVRFSPY
STTEGALMVPAGSPITDLKGLAGKRLGVAGGALDKNWILLRAQARETAGLELENVAQIAYGAPPLLAQKLETGELDAALL
WWQFAARLEAKGFKRLISADDVMRAFGAKGAVSLIGYLYEGHTVADRGEVVRGFARASAAAKDALANEPALWETVRPLMA
AEDDATFATLKRDFLAGIPRRPIAAERADGERIYAALDRLAGAQLLGVGKSLPPDLYLDASGNGHHHHHH
;
_entity_poly.pdbx_strand_id   A
#
loop_
_chem_comp.id
_chem_comp.type
_chem_comp.name
_chem_comp.formula
CL non-polymer 'CHLORIDE ION' 'Cl -1'
PQQ non-polymer 'PYRROLOQUINOLINE QUINONE' 'C14 H6 N2 O8'
#
# COMPACT_ATOMS: atom_id res chain seq x y z
N GLY A 2 -2.21 26.57 -17.06
CA GLY A 2 -1.02 26.12 -16.36
C GLY A 2 -0.69 24.67 -16.64
N GLU A 3 -0.64 23.86 -15.58
CA GLU A 3 -0.35 22.43 -15.67
C GLU A 3 -1.21 21.69 -14.65
N THR A 4 -1.98 20.73 -15.13
CA THR A 4 -2.82 19.88 -14.29
C THR A 4 -2.20 18.50 -14.14
N PHE A 5 -2.20 18.00 -12.90
CA PHE A 5 -1.70 16.67 -12.60
C PHE A 5 -2.88 15.83 -12.12
N ARG A 6 -3.22 14.80 -12.88
CA ARG A 6 -4.36 13.95 -12.57
C ARG A 6 -3.87 12.78 -11.73
N LEU A 7 -4.28 12.79 -10.46
CA LEU A 7 -3.95 11.69 -9.54
C LEU A 7 -5.18 10.81 -9.29
N GLY A 8 -5.05 9.53 -9.58
CA GLY A 8 -6.14 8.58 -9.33
C GLY A 8 -6.10 8.07 -7.90
N VAL A 9 -7.22 8.19 -7.20
CA VAL A 9 -7.28 7.76 -5.79
C VAL A 9 -8.49 6.85 -5.54
N LEU A 10 -8.33 5.91 -4.63
CA LEU A 10 -9.42 5.01 -4.17
C LEU A 10 -10.22 5.65 -3.05
N PRO A 11 -11.55 5.50 -3.06
CA PRO A 11 -12.38 6.17 -2.03
C PRO A 11 -12.12 5.67 -0.61
N PHE A 12 -11.59 4.45 -0.44
CA PHE A 12 -11.20 3.94 0.86
C PHE A 12 -9.69 3.98 1.09
N GLY A 13 -8.97 4.62 0.19
CA GLY A 13 -7.51 4.75 0.32
C GLY A 13 -7.07 5.92 1.19
N THR A 14 -5.80 5.94 1.58
CA THR A 14 -5.22 7.02 2.43
C THR A 14 -4.66 8.17 1.56
N ALA A 15 -4.47 7.95 0.26
CA ALA A 15 -3.87 8.96 -0.65
C ALA A 15 -4.73 10.23 -0.68
N SER A 16 -6.04 10.07 -0.53
N SER A 16 -6.04 10.07 -0.53
CA SER A 16 -6.97 11.23 -0.56
CA SER A 16 -6.97 11.23 -0.56
C SER A 16 -6.62 12.22 0.56
C SER A 16 -6.64 12.21 0.56
N TRP A 17 -6.21 11.69 1.72
CA TRP A 17 -5.86 12.56 2.87
C TRP A 17 -4.76 13.55 2.46
N GLU A 18 -3.63 13.08 1.93
CA GLU A 18 -2.56 14.06 1.62
C GLU A 18 -2.93 14.91 0.40
N ALA A 19 -3.72 14.34 -0.52
CA ALA A 19 -4.20 15.10 -1.68
C ALA A 19 -5.03 16.30 -1.19
N ALA A 20 -5.85 16.07 -0.18
CA ALA A 20 -6.66 17.16 0.38
C ALA A 20 -5.76 18.20 1.06
N VAL A 21 -4.68 17.77 1.70
CA VAL A 21 -3.73 18.75 2.30
C VAL A 21 -3.07 19.56 1.17
N ILE A 22 -2.59 18.88 0.14
CA ILE A 22 -1.94 19.58 -1.00
C ILE A 22 -2.90 20.67 -1.50
N LYS A 23 -4.18 20.33 -1.68
CA LYS A 23 -5.08 21.36 -2.19
C LYS A 23 -5.35 22.44 -1.14
N ALA A 24 -5.65 22.03 0.09
CA ALA A 24 -6.03 23.01 1.12
C ALA A 24 -4.89 23.99 1.42
N ARG A 25 -3.65 23.52 1.39
CA ARG A 25 -2.50 24.37 1.71
C ARG A 25 -1.88 25.02 0.48
N GLY A 26 -2.44 24.84 -0.70
CA GLY A 26 -1.82 25.39 -1.91
C GLY A 26 -0.44 24.82 -2.24
N PHE A 27 -0.16 23.59 -1.81
CA PHE A 27 1.18 23.05 -2.11
C PHE A 27 1.30 22.69 -3.59
N ASP A 28 0.17 22.56 -4.32
CA ASP A 28 0.27 22.38 -5.77
C ASP A 28 0.63 23.69 -6.46
N THR A 29 -0.08 24.76 -6.09
CA THR A 29 0.23 26.13 -6.52
C THR A 29 1.69 26.48 -6.28
N ALA A 30 2.17 26.21 -5.06
CA ALA A 30 3.57 26.42 -4.70
C ALA A 30 4.55 25.76 -5.65
N ASN A 31 4.10 24.70 -6.34
CA ASN A 31 4.94 23.96 -7.25
C ASN A 31 4.47 24.13 -8.69
N GLY A 32 3.69 25.18 -8.97
CA GLY A 32 3.39 25.53 -10.35
C GLY A 32 2.41 24.63 -11.07
N PHE A 33 1.60 23.84 -10.35
CA PHE A 33 0.62 23.01 -11.02
C PHE A 33 -0.67 23.00 -10.21
N THR A 34 -1.72 22.48 -10.83
CA THR A 34 -3.02 22.28 -10.21
C THR A 34 -3.28 20.78 -10.05
N LEU A 35 -3.56 20.31 -8.84
CA LEU A 35 -3.79 18.88 -8.62
C LEU A 35 -5.26 18.60 -8.89
N ASP A 36 -5.54 17.69 -9.80
CA ASP A 36 -6.89 17.23 -10.08
C ASP A 36 -6.98 15.83 -9.48
N ILE A 37 -7.78 15.67 -8.42
CA ILE A 37 -7.99 14.37 -7.80
C ILE A 37 -9.07 13.61 -8.57
N VAL A 38 -8.74 12.42 -9.06
CA VAL A 38 -9.67 11.65 -9.90
C VAL A 38 -10.12 10.42 -9.11
N LYS A 39 -11.40 10.37 -8.77
CA LYS A 39 -11.92 9.24 -7.95
C LYS A 39 -12.11 7.99 -8.82
N LEU A 40 -11.49 6.88 -8.42
CA LEU A 40 -11.59 5.62 -9.15
C LEU A 40 -12.20 4.55 -8.24
N ALA A 41 -12.96 3.60 -8.82
CA ALA A 41 -13.85 2.78 -7.99
C ALA A 41 -13.09 1.73 -7.17
N GLY A 42 -12.07 1.12 -7.74
CA GLY A 42 -11.39 0.01 -7.09
C GLY A 42 -10.00 -0.07 -7.65
N ASN A 43 -9.20 -0.95 -7.06
CA ASN A 43 -7.84 -1.10 -7.57
C ASN A 43 -7.80 -1.63 -8.99
N ASP A 44 -8.70 -2.55 -9.33
CA ASP A 44 -8.73 -3.00 -10.71
C ASP A 44 -9.13 -1.86 -11.66
N ALA A 45 -10.14 -1.07 -11.30
CA ALA A 45 -10.47 0.08 -12.13
C ALA A 45 -9.30 1.08 -12.24
N ALA A 46 -8.60 1.32 -11.12
CA ALA A 46 -7.46 2.25 -11.12
C ALA A 46 -6.34 1.77 -12.03
N ARG A 47 -5.96 0.49 -11.88
CA ARG A 47 -4.94 -0.10 -12.77
C ARG A 47 -5.27 0.07 -14.25
N ILE A 48 -6.54 -0.05 -14.63
CA ILE A 48 -6.87 0.09 -16.05
C ILE A 48 -6.74 1.55 -16.47
N ALA A 49 -7.29 2.47 -15.69
CA ALA A 49 -7.14 3.89 -15.98
C ALA A 49 -5.66 4.25 -16.12
N PHE A 50 -4.82 3.62 -15.30
CA PHE A 50 -3.38 3.85 -15.47
C PHE A 50 -2.87 3.24 -16.77
N LEU A 51 -3.26 2.01 -17.09
CA LEU A 51 -2.82 1.44 -18.36
C LEU A 51 -3.39 2.22 -19.54
N GLY A 52 -4.60 2.77 -19.39
CA GLY A 52 -5.26 3.57 -20.38
C GLY A 52 -4.88 5.04 -20.41
N GLY A 53 -3.85 5.43 -19.68
CA GLY A 53 -3.36 6.80 -19.74
C GLY A 53 -4.34 7.85 -19.29
N GLN A 54 -5.35 7.47 -18.49
CA GLN A 54 -6.39 8.41 -18.05
C GLN A 54 -5.99 9.24 -16.84
N VAL A 55 -4.91 8.87 -16.14
CA VAL A 55 -4.37 9.65 -15.03
C VAL A 55 -2.90 9.87 -15.29
N ASP A 56 -2.30 10.73 -14.45
CA ASP A 56 -0.86 10.87 -14.45
C ASP A 56 -0.20 9.97 -13.44
N ALA A 57 -0.91 9.60 -12.38
CA ALA A 57 -0.36 8.70 -11.38
C ALA A 57 -1.50 8.02 -10.65
N ILE A 58 -1.18 6.87 -10.05
CA ILE A 58 -2.00 6.23 -9.02
C ILE A 58 -1.05 5.90 -7.87
N VAL A 59 -1.64 5.52 -6.73
CA VAL A 59 -0.93 4.83 -5.67
C VAL A 59 -1.08 3.32 -5.90
N GLY A 60 0.04 2.58 -5.83
CA GLY A 60 0.05 1.14 -6.03
C GLY A 60 1.28 0.52 -5.40
N ASP A 61 1.44 -0.79 -5.63
CA ASP A 61 2.55 -1.53 -4.98
C ASP A 61 3.77 -1.72 -5.91
N LEU A 62 4.92 -2.01 -5.31
CA LEU A 62 6.20 -2.16 -6.06
C LEU A 62 6.13 -3.36 -7.02
N ILE A 63 5.45 -4.42 -6.61
CA ILE A 63 5.35 -5.64 -7.45
C ILE A 63 4.60 -5.30 -8.74
N PHE A 64 3.41 -4.69 -8.62
CA PHE A 64 2.62 -4.29 -9.81
C PHE A 64 3.46 -3.35 -10.68
N ALA A 65 4.12 -2.39 -10.06
CA ALA A 65 4.99 -1.46 -10.81
C ALA A 65 6.10 -2.24 -11.52
N ALA A 66 6.71 -3.20 -10.82
CA ALA A 66 7.75 -4.04 -11.42
C ALA A 66 7.15 -4.84 -12.57
N ARG A 67 5.97 -5.43 -12.35
N ARG A 67 5.95 -5.40 -12.37
CA ARG A 67 5.27 -6.22 -13.41
CA ARG A 67 5.27 -6.22 -13.41
C ARG A 67 4.98 -5.35 -14.63
C ARG A 67 4.95 -5.36 -14.64
N LEU A 68 4.46 -4.15 -14.41
CA LEU A 68 4.17 -3.22 -15.54
C LEU A 68 5.49 -2.89 -16.23
N GLY A 69 6.57 -2.74 -15.47
CA GLY A 69 7.88 -2.52 -16.10
C GLY A 69 8.31 -3.72 -16.93
N ASN A 70 8.27 -4.91 -16.37
CA ASN A 70 8.61 -6.15 -17.12
C ASN A 70 7.70 -6.27 -18.34
N GLU A 71 6.42 -5.94 -18.16
CA GLU A 71 5.45 -6.08 -19.28
C GLU A 71 5.68 -4.98 -20.32
N GLY A 72 6.65 -4.08 -20.11
CA GLY A 72 6.99 -3.10 -21.13
C GLY A 72 6.63 -1.65 -20.86
N ARG A 73 6.06 -1.32 -19.69
CA ARG A 73 5.65 0.05 -19.43
C ARG A 73 6.83 0.91 -18.95
N GLY A 74 6.69 2.23 -19.09
CA GLY A 74 7.68 3.18 -18.59
C GLY A 74 7.46 3.67 -17.17
N VAL A 75 6.66 2.92 -16.38
CA VAL A 75 6.25 3.35 -15.02
C VAL A 75 7.42 3.65 -14.08
N ARG A 76 7.30 4.72 -13.29
CA ARG A 76 8.31 5.07 -12.27
C ARG A 76 7.65 5.01 -10.88
N PHE A 77 8.39 4.55 -9.87
CA PHE A 77 7.83 4.38 -8.51
C PHE A 77 8.50 5.39 -7.57
N SER A 78 7.72 5.99 -6.64
N SER A 78 7.72 6.00 -6.64
CA SER A 78 8.29 6.83 -5.55
CA SER A 78 8.28 6.82 -5.54
C SER A 78 7.63 6.38 -4.23
C SER A 78 7.63 6.38 -4.23
N PRO A 79 8.40 6.23 -3.14
CA PRO A 79 7.82 5.72 -1.89
C PRO A 79 6.63 6.56 -1.38
N TYR A 80 5.56 5.89 -1.02
CA TYR A 80 4.40 6.56 -0.44
C TYR A 80 4.25 6.26 1.03
N SER A 81 4.36 4.98 1.40
CA SER A 81 4.27 4.64 2.85
C SER A 81 5.01 3.35 3.17
N THR A 82 5.63 3.28 4.35
CA THR A 82 6.29 2.03 4.78
C THR A 82 5.27 1.22 5.60
N THR A 83 4.08 1.77 5.81
CA THR A 83 3.00 1.03 6.53
C THR A 83 2.14 0.29 5.50
N GLU A 84 2.02 -1.04 5.63
CA GLU A 84 1.23 -1.84 4.68
C GLU A 84 0.77 -3.15 5.31
N GLY A 85 -0.44 -3.59 5.01
CA GLY A 85 -0.92 -4.92 5.44
C GLY A 85 -1.24 -5.02 6.91
N ALA A 86 -2.07 -5.97 7.25
CA ALA A 86 -2.29 -6.35 8.65
C ALA A 86 -3.19 -7.60 8.71
N LEU A 87 -2.67 -8.69 9.27
CA LEU A 87 -3.45 -9.93 9.44
C LEU A 87 -4.31 -9.76 10.69
N MET A 88 -5.61 -9.68 10.50
CA MET A 88 -6.52 -9.41 11.62
C MET A 88 -7.29 -10.67 12.01
N VAL A 89 -7.35 -10.93 13.31
CA VAL A 89 -8.10 -12.09 13.85
C VAL A 89 -9.03 -11.57 14.95
N PRO A 90 -10.14 -12.28 15.25
CA PRO A 90 -11.01 -11.85 16.32
C PRO A 90 -10.20 -11.81 17.63
N ALA A 91 -10.46 -10.83 18.49
CA ALA A 91 -9.79 -10.79 19.81
C ALA A 91 -9.96 -12.13 20.52
N GLY A 92 -8.91 -12.57 21.21
CA GLY A 92 -8.93 -13.88 21.90
C GLY A 92 -8.80 -15.06 20.97
N SER A 93 -8.53 -14.82 19.69
CA SER A 93 -8.47 -15.94 18.71
C SER A 93 -7.43 -16.96 19.16
N PRO A 94 -7.68 -18.26 18.96
CA PRO A 94 -6.67 -19.27 19.25
C PRO A 94 -5.47 -19.11 18.30
N ILE A 95 -5.68 -18.46 17.16
CA ILE A 95 -4.60 -18.31 16.14
C ILE A 95 -3.49 -17.44 16.72
N THR A 96 -2.37 -18.05 17.08
CA THR A 96 -1.21 -17.31 17.64
C THR A 96 -0.05 -17.43 16.65
N ASP A 97 -0.19 -18.33 15.67
CA ASP A 97 0.85 -18.51 14.63
C ASP A 97 0.17 -18.69 13.26
N LEU A 98 0.95 -18.63 12.18
CA LEU A 98 0.38 -18.80 10.81
C LEU A 98 -0.13 -20.23 10.62
N LYS A 99 0.44 -21.19 11.34
CA LYS A 99 -0.06 -22.59 11.26
C LYS A 99 -1.53 -22.64 11.72
N GLY A 100 -1.93 -21.75 12.63
CA GLY A 100 -3.32 -21.74 13.12
C GLY A 100 -4.32 -21.42 12.04
N LEU A 101 -3.87 -20.95 10.87
CA LEU A 101 -4.78 -20.58 9.76
C LEU A 101 -5.33 -21.86 9.13
N ALA A 102 -4.64 -22.98 9.36
CA ALA A 102 -5.08 -24.28 8.82
C ALA A 102 -6.57 -24.53 9.12
N GLY A 103 -7.37 -24.71 8.07
CA GLY A 103 -8.80 -25.00 8.23
C GLY A 103 -9.66 -23.79 8.55
N LYS A 104 -9.16 -22.59 8.27
CA LYS A 104 -9.91 -21.34 8.57
C LYS A 104 -10.31 -20.63 7.29
N ARG A 105 -11.33 -19.82 7.36
CA ARG A 105 -11.73 -18.99 6.19
C ARG A 105 -10.88 -17.72 6.29
N LEU A 106 -9.88 -17.60 5.41
CA LEU A 106 -8.94 -16.46 5.49
C LEU A 106 -9.17 -15.51 4.32
N GLY A 107 -9.61 -14.31 4.62
CA GLY A 107 -9.77 -13.29 3.57
C GLY A 107 -8.44 -12.72 3.16
N VAL A 108 -8.25 -12.48 1.87
CA VAL A 108 -7.00 -11.86 1.36
C VAL A 108 -7.38 -10.67 0.48
N ALA A 109 -7.08 -9.47 0.95
CA ALA A 109 -7.43 -8.24 0.21
C ALA A 109 -6.50 -8.05 -0.99
N GLY A 110 -7.05 -7.75 -2.16
CA GLY A 110 -6.20 -7.42 -3.32
C GLY A 110 -5.98 -8.58 -4.27
N GLY A 111 -6.53 -9.74 -3.98
CA GLY A 111 -6.43 -10.87 -4.91
C GLY A 111 -5.19 -11.73 -4.73
N ALA A 112 -5.03 -12.74 -5.57
CA ALA A 112 -3.94 -13.73 -5.44
C ALA A 112 -2.54 -13.14 -5.63
N LEU A 113 -2.43 -11.93 -6.17
CA LEU A 113 -1.09 -11.33 -6.44
C LEU A 113 -0.85 -10.11 -5.54
N ASP A 114 -1.68 -9.92 -4.51
CA ASP A 114 -1.46 -8.79 -3.56
C ASP A 114 -0.08 -8.92 -2.91
N LYS A 115 0.63 -7.81 -2.80
CA LYS A 115 1.99 -7.80 -2.19
C LYS A 115 1.96 -8.37 -0.76
N ASN A 116 0.96 -8.00 0.02
CA ASN A 116 0.84 -8.50 1.42
C ASN A 116 0.72 -10.03 1.43
N TRP A 117 -0.09 -10.58 0.53
CA TRP A 117 -0.29 -12.05 0.42
C TRP A 117 1.04 -12.72 0.04
N ILE A 118 1.74 -12.16 -0.94
CA ILE A 118 3.04 -12.76 -1.38
C ILE A 118 3.97 -12.83 -0.15
N LEU A 119 4.02 -11.77 0.64
CA LEU A 119 4.87 -11.74 1.86
C LEU A 119 4.40 -12.79 2.87
N LEU A 120 3.10 -12.85 3.13
CA LEU A 120 2.57 -13.80 4.14
C LEU A 120 2.85 -15.24 3.67
N ARG A 121 2.62 -15.54 2.40
CA ARG A 121 2.86 -16.90 1.87
C ARG A 121 4.34 -17.22 2.02
N ALA A 122 5.18 -16.25 1.69
CA ALA A 122 6.63 -16.43 1.79
C ALA A 122 7.02 -16.73 3.25
N GLN A 123 6.52 -15.94 4.19
CA GLN A 123 6.81 -16.14 5.63
C GLN A 123 6.40 -17.55 6.06
N ALA A 124 5.22 -18.01 5.65
CA ALA A 124 4.69 -19.32 6.08
C ALA A 124 5.50 -20.48 5.47
N ARG A 125 5.91 -20.36 4.22
CA ARG A 125 6.76 -21.42 3.61
C ARG A 125 8.12 -21.44 4.31
N GLU A 126 8.67 -20.28 4.59
CA GLU A 126 10.00 -20.18 5.22
C GLU A 126 9.98 -20.72 6.65
N THR A 127 8.98 -20.36 7.45
CA THR A 127 9.00 -20.71 8.89
C THR A 127 8.28 -22.04 9.18
N ALA A 128 7.66 -22.66 8.19
CA ALA A 128 6.88 -23.86 8.51
C ALA A 128 6.63 -24.72 7.27
N GLY A 129 7.21 -24.36 6.14
CA GLY A 129 7.06 -25.21 4.95
C GLY A 129 5.60 -25.48 4.67
N LEU A 130 4.75 -24.49 4.90
CA LEU A 130 3.30 -24.64 4.65
C LEU A 130 2.89 -23.75 3.48
N GLU A 131 1.99 -24.24 2.64
CA GLU A 131 1.43 -23.39 1.57
C GLU A 131 0.03 -23.03 2.08
N LEU A 132 -0.15 -21.80 2.54
CA LEU A 132 -1.44 -21.42 3.18
C LEU A 132 -2.60 -21.76 2.25
N GLU A 133 -2.39 -21.64 0.94
CA GLU A 133 -3.47 -21.92 -0.05
C GLU A 133 -3.86 -23.39 -0.02
N ASN A 134 -3.02 -24.26 0.55
CA ASN A 134 -3.31 -25.71 0.63
C ASN A 134 -4.11 -26.02 1.89
N VAL A 135 -3.93 -25.26 2.96
CA VAL A 135 -4.57 -25.60 4.26
C VAL A 135 -5.72 -24.66 4.62
N ALA A 136 -5.71 -23.42 4.15
CA ALA A 136 -6.74 -22.44 4.55
C ALA A 136 -7.77 -22.24 3.44
N GLN A 137 -8.99 -21.97 3.85
CA GLN A 137 -10.04 -21.68 2.85
C GLN A 137 -9.85 -20.20 2.49
N ILE A 138 -9.19 -19.94 1.37
CA ILE A 138 -8.85 -18.53 1.02
C ILE A 138 -10.02 -17.86 0.32
N ALA A 139 -10.34 -16.64 0.73
CA ALA A 139 -11.37 -15.86 0.03
C ALA A 139 -10.76 -14.53 -0.40
N TYR A 140 -10.63 -14.33 -1.70
CA TYR A 140 -10.04 -13.09 -2.22
C TYR A 140 -11.13 -12.03 -2.34
N GLY A 141 -10.73 -10.77 -2.33
CA GLY A 141 -11.71 -9.69 -2.47
C GLY A 141 -11.17 -8.31 -2.15
N ALA A 142 -11.92 -7.29 -2.51
CA ALA A 142 -11.50 -5.90 -2.22
C ALA A 142 -11.49 -5.68 -0.70
N PRO A 143 -10.60 -4.80 -0.21
CA PRO A 143 -10.47 -4.58 1.22
C PRO A 143 -11.79 -4.28 1.96
N PRO A 144 -12.67 -3.37 1.48
CA PRO A 144 -13.90 -3.06 2.23
C PRO A 144 -14.77 -4.31 2.46
N LEU A 145 -14.96 -5.13 1.44
CA LEU A 145 -15.77 -6.37 1.56
C LEU A 145 -15.16 -7.29 2.62
N LEU A 146 -13.85 -7.51 2.56
CA LEU A 146 -13.21 -8.45 3.49
C LEU A 146 -13.32 -7.95 4.94
N ALA A 147 -13.13 -6.64 5.14
CA ALA A 147 -13.29 -6.06 6.49
C ALA A 147 -14.72 -6.33 7.01
N GLN A 148 -15.71 -6.10 6.15
CA GLN A 148 -17.13 -6.27 6.53
C GLN A 148 -17.43 -7.72 6.87
N LYS A 149 -16.89 -8.66 6.09
CA LYS A 149 -17.21 -10.09 6.30
C LYS A 149 -16.47 -10.63 7.52
N LEU A 150 -15.29 -10.08 7.85
CA LEU A 150 -14.60 -10.48 9.09
C LEU A 150 -15.44 -9.97 10.28
N GLU A 151 -15.93 -8.73 10.18
CA GLU A 151 -16.81 -8.18 11.23
C GLU A 151 -18.03 -9.07 11.42
N THR A 152 -18.68 -9.49 10.33
CA THR A 152 -19.94 -10.27 10.39
C THR A 152 -19.69 -11.77 10.67
N GLY A 153 -18.45 -12.20 10.79
CA GLY A 153 -18.16 -13.60 11.18
C GLY A 153 -18.21 -14.61 10.06
N GLU A 154 -18.30 -14.16 8.80
CA GLU A 154 -18.26 -15.09 7.64
C GLU A 154 -16.80 -15.54 7.44
N LEU A 155 -15.86 -14.79 8.02
CA LEU A 155 -14.40 -15.13 7.89
C LEU A 155 -13.80 -15.24 9.30
N ASP A 156 -12.82 -16.11 9.48
CA ASP A 156 -12.15 -16.31 10.79
C ASP A 156 -10.91 -15.43 10.89
N ALA A 157 -10.42 -14.93 9.76
CA ALA A 157 -9.26 -14.01 9.73
C ALA A 157 -9.21 -13.30 8.37
N ALA A 158 -8.46 -12.20 8.30
CA ALA A 158 -8.33 -11.47 7.02
C ALA A 158 -7.06 -10.64 6.92
N LEU A 159 -6.36 -10.77 5.81
CA LEU A 159 -5.16 -9.92 5.54
C LEU A 159 -5.71 -8.68 4.83
N LEU A 160 -5.73 -7.56 5.54
CA LEU A 160 -6.36 -6.33 5.01
C LEU A 160 -5.34 -5.20 4.84
N TRP A 161 -5.72 -4.16 4.12
CA TRP A 161 -4.87 -2.96 4.06
C TRP A 161 -4.87 -2.33 5.45
N TRP A 162 -3.79 -1.65 5.82
CA TRP A 162 -3.60 -1.15 7.21
C TRP A 162 -4.77 -0.31 7.76
N GLN A 163 -5.37 0.56 6.96
CA GLN A 163 -6.46 1.46 7.44
C GLN A 163 -7.61 0.63 8.03
N PHE A 164 -7.95 -0.48 7.41
CA PHE A 164 -9.09 -1.33 7.86
C PHE A 164 -8.78 -2.00 9.19
N ALA A 165 -7.52 -2.38 9.38
CA ALA A 165 -7.09 -3.05 10.61
C ALA A 165 -7.27 -2.08 11.77
N ALA A 166 -6.92 -0.81 11.54
CA ALA A 166 -7.07 0.22 12.57
C ALA A 166 -8.54 0.31 12.99
N ARG A 167 -9.46 0.36 12.03
CA ARG A 167 -10.90 0.49 12.33
C ARG A 167 -11.43 -0.78 13.02
N LEU A 168 -10.84 -1.93 12.71
CA LEU A 168 -11.37 -3.20 13.25
C LEU A 168 -11.02 -3.35 14.73
N GLU A 169 -9.91 -2.77 15.16
CA GLU A 169 -9.47 -2.92 16.57
C GLU A 169 -10.61 -2.47 17.50
N ALA A 170 -11.35 -1.45 17.10
CA ALA A 170 -12.42 -0.90 17.96
C ALA A 170 -13.67 -1.78 17.84
N LYS A 171 -13.69 -2.71 16.90
CA LYS A 171 -14.82 -3.66 16.79
C LYS A 171 -14.40 -4.98 17.44
N GLY A 172 -13.31 -4.94 18.21
CA GLY A 172 -12.82 -6.15 18.92
C GLY A 172 -12.01 -7.08 18.03
N PHE A 173 -11.02 -6.53 17.31
CA PHE A 173 -10.17 -7.37 16.43
C PHE A 173 -8.69 -7.07 16.73
N LYS A 174 -7.82 -8.04 16.53
CA LYS A 174 -6.40 -7.89 16.90
C LYS A 174 -5.48 -8.18 15.72
N ARG A 175 -4.31 -7.53 15.70
CA ARG A 175 -3.33 -7.70 14.61
C ARG A 175 -2.42 -8.87 14.96
N LEU A 176 -2.56 -9.96 14.25
CA LEU A 176 -1.64 -11.10 14.48
C LEU A 176 -0.28 -10.72 13.89
N ILE A 177 -0.26 -9.99 12.76
CA ILE A 177 1.02 -9.74 12.12
C ILE A 177 0.81 -8.69 11.04
N SER A 178 1.84 -7.91 10.79
CA SER A 178 1.84 -6.93 9.72
C SER A 178 2.79 -7.37 8.61
N ALA A 179 2.61 -6.77 7.43
CA ALA A 179 3.56 -6.98 6.34
C ALA A 179 4.93 -6.43 6.72
N ASP A 180 4.95 -5.33 7.48
CA ASP A 180 6.18 -4.84 8.09
C ASP A 180 6.80 -5.87 9.02
N ASP A 181 5.98 -6.65 9.72
CA ASP A 181 6.51 -7.72 10.57
C ASP A 181 7.27 -8.75 9.72
N VAL A 182 6.65 -9.25 8.66
CA VAL A 182 7.29 -10.26 7.80
C VAL A 182 8.64 -9.75 7.32
N MET A 183 8.70 -8.48 6.97
CA MET A 183 9.85 -7.94 6.27
C MET A 183 10.99 -7.67 7.25
N ARG A 184 10.65 -7.32 8.50
N ARG A 184 10.64 -7.33 8.50
CA ARG A 184 11.64 -7.29 9.56
CA ARG A 184 11.64 -7.29 9.57
C ARG A 184 12.11 -8.70 9.92
C ARG A 184 12.10 -8.70 9.92
N ALA A 185 11.20 -9.69 9.85
CA ALA A 185 11.59 -11.07 10.05
C ALA A 185 12.57 -11.54 8.97
N PHE A 186 12.43 -11.05 7.74
CA PHE A 186 13.38 -11.41 6.68
C PHE A 186 14.77 -10.87 6.99
N GLY A 187 14.86 -9.74 7.70
CA GLY A 187 16.12 -9.10 7.97
C GLY A 187 16.36 -7.85 7.15
N ALA A 188 15.29 -7.15 6.76
CA ALA A 188 15.42 -5.90 6.04
C ALA A 188 16.23 -4.88 6.84
N LYS A 189 17.04 -4.09 6.12
CA LYS A 189 17.98 -3.13 6.76
C LYS A 189 17.21 -2.02 7.47
N GLY A 190 16.17 -1.50 6.83
CA GLY A 190 15.34 -0.48 7.46
C GLY A 190 13.92 -0.56 6.99
N ALA A 191 13.09 0.41 7.40
CA ALA A 191 11.70 0.49 6.92
C ALA A 191 11.68 0.55 5.40
N VAL A 192 10.79 -0.21 4.78
CA VAL A 192 10.80 -0.36 3.32
C VAL A 192 9.42 -0.03 2.79
N SER A 193 9.37 0.81 1.76
CA SER A 193 8.11 1.23 1.17
C SER A 193 7.73 0.25 0.08
N LEU A 194 6.66 -0.51 0.31
CA LEU A 194 6.09 -1.31 -0.75
C LEU A 194 4.93 -0.64 -1.46
N ILE A 195 4.43 0.43 -0.86
CA ILE A 195 3.34 1.23 -1.46
C ILE A 195 3.98 2.51 -1.97
N GLY A 196 3.68 2.88 -3.21
CA GLY A 196 4.28 4.03 -3.82
C GLY A 196 3.31 4.79 -4.69
N TYR A 197 3.77 5.97 -5.13
CA TYR A 197 3.18 6.64 -6.27
C TYR A 197 3.71 5.99 -7.54
N LEU A 198 2.83 5.66 -8.46
CA LEU A 198 3.20 5.18 -9.79
C LEU A 198 2.94 6.27 -10.81
N TYR A 199 3.99 6.75 -11.44
CA TYR A 199 3.90 7.84 -12.40
C TYR A 199 3.93 7.25 -13.81
N GLU A 200 3.13 7.81 -14.68
CA GLU A 200 3.00 7.30 -16.03
C GLU A 200 4.28 7.58 -16.77
N GLY A 201 4.74 6.62 -17.56
CA GLY A 201 5.97 6.83 -18.31
C GLY A 201 5.92 8.08 -19.18
N HIS A 202 4.77 8.33 -19.80
CA HIS A 202 4.65 9.49 -20.67
C HIS A 202 4.80 10.80 -19.89
N THR A 203 4.11 10.91 -18.75
CA THR A 203 4.22 12.11 -17.93
C THR A 203 5.65 12.34 -17.46
N VAL A 204 6.32 11.29 -17.02
CA VAL A 204 7.72 11.41 -16.63
C VAL A 204 8.57 11.96 -17.77
N ALA A 205 8.29 11.54 -19.00
CA ALA A 205 9.16 11.92 -20.11
C ALA A 205 8.88 13.34 -20.59
N ASP A 206 7.60 13.72 -20.65
CA ASP A 206 7.16 14.95 -21.27
C ASP A 206 6.76 16.02 -20.26
N ARG A 207 6.47 15.64 -19.03
CA ARG A 207 6.03 16.61 -18.05
C ARG A 207 6.79 16.37 -16.76
N GLY A 208 8.09 16.12 -16.91
CA GLY A 208 8.90 15.70 -15.79
C GLY A 208 8.85 16.67 -14.61
N GLU A 209 8.69 17.97 -14.90
CA GLU A 209 8.63 18.98 -13.83
C GLU A 209 7.30 18.96 -13.09
N VAL A 210 6.21 18.59 -13.76
CA VAL A 210 4.95 18.39 -13.05
C VAL A 210 5.06 17.21 -12.10
N VAL A 211 5.72 16.13 -12.54
CA VAL A 211 5.95 14.98 -11.66
C VAL A 211 6.77 15.40 -10.44
N ARG A 212 7.87 16.11 -10.67
CA ARG A 212 8.70 16.55 -9.55
C ARG A 212 7.92 17.53 -8.68
N GLY A 213 7.16 18.43 -9.30
CA GLY A 213 6.31 19.31 -8.51
C GLY A 213 5.33 18.54 -7.65
N PHE A 214 4.70 17.49 -8.20
CA PHE A 214 3.78 16.73 -7.37
C PHE A 214 4.53 15.99 -6.26
N ALA A 215 5.65 15.34 -6.61
CA ALA A 215 6.43 14.63 -5.61
C ALA A 215 6.85 15.57 -4.48
N ARG A 216 7.22 16.80 -4.81
CA ARG A 216 7.55 17.77 -3.77
C ARG A 216 6.29 18.14 -2.95
N ALA A 217 5.16 18.35 -3.63
CA ALA A 217 3.92 18.71 -2.95
C ALA A 217 3.50 17.63 -1.96
N SER A 218 3.63 16.37 -2.37
CA SER A 218 3.33 15.25 -1.47
C SER A 218 4.23 15.24 -0.25
N ALA A 219 5.55 15.33 -0.47
CA ALA A 219 6.47 15.32 0.66
C ALA A 219 6.18 16.49 1.60
N ALA A 220 5.73 17.61 1.07
CA ALA A 220 5.43 18.77 1.92
C ALA A 220 4.18 18.50 2.74
N ALA A 221 3.20 17.83 2.12
CA ALA A 221 1.96 17.48 2.82
C ALA A 221 2.24 16.48 3.94
N LYS A 222 3.02 15.43 3.65
CA LYS A 222 3.36 14.45 4.68
C LYS A 222 4.11 15.13 5.82
N ASP A 223 5.11 15.97 5.47
CA ASP A 223 5.83 16.79 6.45
C ASP A 223 4.89 17.63 7.29
N ALA A 224 3.91 18.29 6.65
CA ALA A 224 2.97 19.11 7.43
C ALA A 224 2.17 18.24 8.39
N LEU A 225 1.64 17.09 7.91
CA LEU A 225 0.86 16.18 8.76
C LEU A 225 1.69 15.65 9.94
N ALA A 226 2.98 15.50 9.75
CA ALA A 226 3.84 14.99 10.83
C ALA A 226 4.26 16.07 11.81
N ASN A 227 4.13 17.34 11.44
CA ASN A 227 4.55 18.46 12.27
C ASN A 227 3.45 19.39 12.75
N GLU A 228 2.23 19.25 12.27
CA GLU A 228 1.13 20.15 12.61
C GLU A 228 -0.05 19.30 13.08
N PRO A 229 -0.08 18.95 14.36
CA PRO A 229 -1.18 18.06 14.81
C PRO A 229 -2.56 18.64 14.56
N ALA A 230 -2.71 19.98 14.49
CA ALA A 230 -4.03 20.55 14.20
C ALA A 230 -4.49 20.24 12.78
N LEU A 231 -3.56 20.04 11.86
CA LEU A 231 -3.93 19.80 10.47
C LEU A 231 -4.76 18.53 10.32
N TRP A 232 -4.55 17.55 11.21
CA TRP A 232 -5.31 16.30 11.13
C TRP A 232 -6.80 16.53 11.33
N GLU A 233 -7.18 17.46 12.20
CA GLU A 233 -8.61 17.58 12.43
C GLU A 233 -9.30 18.19 11.21
N THR A 234 -8.54 18.88 10.36
CA THR A 234 -9.06 19.34 9.07
C THR A 234 -9.36 18.18 8.12
N VAL A 235 -8.52 17.14 8.09
CA VAL A 235 -8.75 16.08 7.11
C VAL A 235 -9.63 14.97 7.65
N ARG A 236 -10.03 15.05 8.92
CA ARG A 236 -10.80 13.96 9.50
C ARG A 236 -12.05 13.56 8.68
N PRO A 237 -12.79 14.46 8.02
CA PRO A 237 -14.00 14.00 7.29
C PRO A 237 -13.69 12.98 6.21
N LEU A 238 -12.49 13.03 5.63
CA LEU A 238 -12.07 12.09 4.60
C LEU A 238 -11.65 10.75 5.17
N MET A 239 -11.55 10.63 6.48
CA MET A 239 -10.86 9.51 7.08
C MET A 239 -11.82 8.41 7.55
N ALA A 240 -13.12 8.65 7.48
CA ALA A 240 -14.14 7.77 8.01
C ALA A 240 -13.86 7.35 9.45
N ALA A 241 -13.63 8.34 10.31
CA ALA A 241 -13.07 8.09 11.64
C ALA A 241 -13.81 8.90 12.70
N GLU A 242 -15.13 8.79 12.73
CA GLU A 242 -15.90 9.44 13.79
C GLU A 242 -15.56 8.87 15.16
N ASP A 243 -15.22 7.58 15.20
CA ASP A 243 -14.81 6.93 16.43
C ASP A 243 -13.41 7.42 16.83
N ASP A 244 -13.23 7.73 18.12
CA ASP A 244 -12.03 8.41 18.59
C ASP A 244 -10.81 7.49 18.62
N ALA A 245 -10.96 6.25 19.11
CA ALA A 245 -9.80 5.36 19.09
C ALA A 245 -9.40 5.02 17.66
N THR A 246 -10.38 4.93 16.75
CA THR A 246 -10.05 4.75 15.34
C THR A 246 -9.23 5.92 14.80
N PHE A 247 -9.70 7.15 15.01
CA PHE A 247 -8.98 8.32 14.51
C PHE A 247 -7.52 8.36 14.99
N ALA A 248 -7.32 8.15 16.29
CA ALA A 248 -5.97 8.16 16.84
C ALA A 248 -5.11 7.03 16.26
N THR A 249 -5.69 5.84 16.07
CA THR A 249 -4.91 4.71 15.54
C THR A 249 -4.53 4.95 14.08
N LEU A 250 -5.48 5.44 13.26
CA LEU A 250 -5.16 5.84 11.89
C LEU A 250 -4.01 6.84 11.84
N LYS A 251 -4.07 7.89 12.68
CA LYS A 251 -3.01 8.90 12.69
C LYS A 251 -1.68 8.28 13.08
N ARG A 252 -1.67 7.46 14.13
CA ARG A 252 -0.42 6.83 14.58
C ARG A 252 0.21 5.99 13.48
N ASP A 253 -0.60 5.16 12.79
CA ASP A 253 -0.05 4.29 11.74
C ASP A 253 0.38 5.07 10.51
N PHE A 254 -0.37 6.13 10.15
CA PHE A 254 0.05 6.94 9.01
C PHE A 254 1.39 7.61 9.29
N LEU A 255 1.55 8.14 10.50
CA LEU A 255 2.79 8.83 10.82
C LEU A 255 3.96 7.86 10.80
N ALA A 256 3.74 6.66 11.33
CA ALA A 256 4.79 5.67 11.36
C ALA A 256 5.23 5.30 9.94
N GLY A 257 4.34 5.42 8.95
CA GLY A 257 4.57 5.01 7.58
C GLY A 257 5.24 6.04 6.69
N ILE A 258 5.35 7.28 7.17
CA ILE A 258 5.92 8.34 6.31
C ILE A 258 7.37 7.96 5.95
N PRO A 259 7.69 7.77 4.66
CA PRO A 259 9.02 7.37 4.23
C PRO A 259 10.07 8.42 4.60
N ARG A 260 11.16 8.01 5.23
CA ARG A 260 12.20 8.96 5.71
C ARG A 260 13.62 8.45 5.39
N ARG A 261 13.75 7.66 4.31
CA ARG A 261 15.06 7.07 3.93
C ARG A 261 15.42 7.49 2.50
N PRO A 262 16.71 7.66 2.18
CA PRO A 262 17.13 8.03 0.83
C PRO A 262 16.68 7.00 -0.22
N ILE A 263 16.34 7.48 -1.41
CA ILE A 263 15.85 6.58 -2.49
C ILE A 263 16.85 5.45 -2.71
N ALA A 264 18.14 5.77 -2.67
CA ALA A 264 19.15 4.74 -2.83
C ALA A 264 18.93 3.60 -1.84
N ALA A 265 18.82 3.93 -0.55
CA ALA A 265 18.57 2.89 0.45
C ALA A 265 17.22 2.23 0.22
N GLU A 266 16.20 3.02 -0.13
CA GLU A 266 14.89 2.46 -0.45
C GLU A 266 15.01 1.46 -1.60
N ARG A 267 15.68 1.87 -2.66
CA ARG A 267 15.80 0.99 -3.86
C ARG A 267 16.55 -0.30 -3.52
N ALA A 268 17.57 -0.22 -2.65
CA ALA A 268 18.39 -1.41 -2.37
C ALA A 268 17.63 -2.42 -1.53
N ASP A 269 16.84 -1.93 -0.57
CA ASP A 269 16.01 -2.83 0.22
C ASP A 269 14.92 -3.46 -0.64
N GLY A 270 14.40 -2.67 -1.58
CA GLY A 270 13.39 -3.22 -2.50
C GLY A 270 13.97 -4.35 -3.31
N GLU A 271 15.16 -4.14 -3.85
CA GLU A 271 15.80 -5.17 -4.69
C GLU A 271 16.01 -6.45 -3.88
N ARG A 272 16.47 -6.31 -2.64
CA ARG A 272 16.78 -7.51 -1.83
C ARG A 272 15.48 -8.23 -1.45
N ILE A 273 14.49 -7.48 -0.99
CA ILE A 273 13.23 -8.11 -0.52
C ILE A 273 12.58 -8.80 -1.73
N TYR A 274 12.63 -8.15 -2.89
CA TYR A 274 12.08 -8.78 -4.11
C TYR A 274 12.82 -10.10 -4.38
N ALA A 275 14.15 -10.07 -4.47
CA ALA A 275 14.85 -11.33 -4.84
C ALA A 275 14.61 -12.43 -3.80
N ALA A 276 14.37 -12.06 -2.55
CA ALA A 276 14.02 -13.06 -1.51
C ALA A 276 12.64 -13.66 -1.81
N LEU A 277 11.70 -12.83 -2.25
CA LEU A 277 10.31 -13.28 -2.54
C LEU A 277 10.27 -14.13 -3.81
N ASP A 278 11.16 -13.88 -4.77
CA ASP A 278 11.09 -14.63 -6.04
C ASP A 278 11.44 -16.09 -5.76
N ARG A 279 12.22 -16.34 -4.70
CA ARG A 279 12.60 -17.73 -4.34
C ARG A 279 11.42 -18.42 -3.64
N LEU A 280 10.60 -17.67 -2.91
CA LEU A 280 9.50 -18.32 -2.13
C LEU A 280 8.15 -18.21 -2.84
N ALA A 281 8.01 -17.31 -3.83
CA ALA A 281 6.69 -17.10 -4.49
C ALA A 281 6.86 -17.00 -6.01
N GLY A 282 7.68 -17.86 -6.60
CA GLY A 282 8.00 -17.78 -8.03
C GLY A 282 6.77 -17.69 -8.91
N ALA A 283 5.73 -18.48 -8.61
CA ALA A 283 4.52 -18.51 -9.46
C ALA A 283 3.86 -17.13 -9.48
N GLN A 284 3.55 -16.59 -8.29
CA GLN A 284 2.79 -15.32 -8.21
C GLN A 284 3.51 -14.18 -8.92
N LEU A 285 4.84 -14.22 -8.98
CA LEU A 285 5.59 -13.09 -9.58
C LEU A 285 5.98 -13.44 -11.02
N LEU A 286 5.37 -14.47 -11.60
CA LEU A 286 5.74 -14.90 -12.99
C LEU A 286 5.50 -13.75 -13.95
N GLY A 287 4.61 -12.82 -13.61
CA GLY A 287 4.41 -11.64 -14.48
C GLY A 287 5.43 -10.55 -14.23
N VAL A 288 6.28 -10.70 -13.21
CA VAL A 288 7.16 -9.56 -12.83
C VAL A 288 8.60 -9.86 -13.20
N GLY A 289 9.03 -11.09 -12.96
CA GLY A 289 10.40 -11.48 -13.28
C GLY A 289 11.15 -11.95 -12.06
N LYS A 290 12.39 -12.39 -12.26
CA LYS A 290 13.21 -12.85 -11.10
C LYS A 290 13.78 -11.62 -10.37
N SER A 291 13.83 -10.47 -11.04
CA SER A 291 14.42 -9.25 -10.42
C SER A 291 13.58 -8.02 -10.77
N LEU A 292 13.76 -6.92 -10.03
CA LEU A 292 13.02 -5.67 -10.30
C LEU A 292 13.48 -5.08 -11.64
N PRO A 293 12.57 -4.46 -12.42
CA PRO A 293 12.97 -3.80 -13.65
C PRO A 293 14.00 -2.73 -13.32
N PRO A 294 14.82 -2.32 -14.30
CA PRO A 294 15.81 -1.28 -14.07
C PRO A 294 15.21 0.12 -14.13
N ASP A 295 15.80 1.05 -13.37
CA ASP A 295 15.35 2.47 -13.42
C ASP A 295 13.88 2.59 -13.02
N LEU A 296 13.36 1.65 -12.22
CA LEU A 296 11.94 1.68 -11.82
C LEU A 296 11.73 2.84 -10.85
N TYR A 297 12.71 3.10 -10.00
CA TYR A 297 12.52 4.15 -8.97
C TYR A 297 12.70 5.53 -9.57
N LEU A 298 11.80 6.45 -9.26
CA LEU A 298 11.93 7.83 -9.68
C LEU A 298 13.12 8.46 -8.99
N ASP A 299 13.97 9.11 -9.77
CA ASP A 299 15.20 9.73 -9.25
C ASP A 299 14.89 10.87 -8.30
N1 PQQ B . -4.08 3.34 -1.23
C2 PQQ B . -4.43 3.78 -2.47
C2X PQQ B . -5.09 5.05 -2.69
O2A PQQ B . -5.27 5.74 -1.71
O2B PQQ B . -5.47 5.32 -3.80
C3 PQQ B . -4.05 2.83 -3.40
C3A PQQ B . -3.45 1.77 -2.72
C1A PQQ B . -3.46 2.11 -1.37
C4 PQQ B . -2.88 0.52 -3.17
O4 PQQ B . -2.74 0.20 -4.33
C5 PQQ B . -2.41 -0.45 -2.08
O5 PQQ B . -1.93 -1.52 -2.44
C6A PQQ B . -2.51 -0.06 -0.67
N6 PQQ B . -2.12 -0.94 0.26
C7 PQQ B . -2.20 -0.62 1.54
C7X PQQ B . -1.75 -1.66 2.52
O7A PQQ B . -1.89 -1.41 3.72
O7B PQQ B . -1.29 -2.72 2.07
C8 PQQ B . -2.68 0.63 1.97
C9 PQQ B . -3.11 1.57 1.04
C9X PQQ B . -3.58 2.91 1.55
O9A PQQ B . -4.73 3.30 1.34
O9B PQQ B . -2.74 3.55 2.17
C9A PQQ B . -2.99 1.23 -0.34
CL CL C . 7.73 22.32 -2.52
CL CL D . 3.74 3.81 -17.73
CL CL E . -13.41 3.80 -11.93
CL CL F . 4.60 -19.68 -5.94
CL CL G . -2.20 20.29 -18.20
#